data_2Z9H
#
_entry.id   2Z9H
#
_cell.length_a   71.281
_cell.length_b   66.540
_cell.length_c   72.004
_cell.angle_alpha   90.000
_cell.angle_beta   119.250
_cell.angle_gamma   90.000
#
_symmetry.space_group_name_H-M   'P 1 21 1'
#
loop_
_entity.id
_entity.type
_entity.pdbx_description
1 polymer 'Ethanolamine utilization protein eutN'
2 non-polymer (4R)-2-METHYLPENTANE-2,4-DIOL
3 non-polymer 'CHLORIDE ION'
4 water water
#
_entity_poly.entity_id   1
_entity_poly.type   'polypeptide(L)'
_entity_poly.pdbx_seq_one_letter_code
;MKLAVVTGQIVCTVRHHGLAHDKLLMVEMIDPQGNPDGQCAVAIDNIGAGTGEWVLLVSGSSARQAHKSETSPVDLCVIG
IVDEVVSGGQVIFHKLEHHHHHH
;
_entity_poly.pdbx_strand_id   A,B,C,D,E,F
#
loop_
_chem_comp.id
_chem_comp.type
_chem_comp.name
_chem_comp.formula
CL non-polymer 'CHLORIDE ION' 'Cl -1'
MRD non-polymer (4R)-2-METHYLPENTANE-2,4-DIOL 'C6 H14 O2'
#
# COMPACT_ATOMS: atom_id res chain seq x y z
N MET A 1 8.27 4.91 -8.80
CA MET A 1 9.63 5.44 -9.10
C MET A 1 9.69 6.92 -8.76
N LYS A 2 10.79 7.34 -8.14
CA LYS A 2 10.89 8.69 -7.62
C LYS A 2 12.28 9.26 -7.81
N LEU A 3 12.35 10.58 -7.93
CA LEU A 3 13.61 11.30 -7.97
C LEU A 3 14.09 11.55 -6.55
N ALA A 4 15.40 11.61 -6.38
CA ALA A 4 15.99 11.86 -5.07
C ALA A 4 17.38 12.43 -5.24
N VAL A 5 17.85 13.11 -4.21
CA VAL A 5 19.20 13.65 -4.16
C VAL A 5 20.01 12.84 -3.16
N VAL A 6 21.24 12.48 -3.52
CA VAL A 6 22.13 11.81 -2.59
C VAL A 6 22.67 12.89 -1.64
N THR A 7 22.22 12.84 -0.39
CA THR A 7 22.63 13.83 0.62
C THR A 7 23.86 13.39 1.41
N GLY A 8 24.19 12.11 1.36
CA GLY A 8 25.34 11.59 2.10
C GLY A 8 25.53 10.10 2.03
N GLN A 9 26.17 9.55 3.07
CA GLN A 9 26.58 8.15 3.08
C GLN A 9 26.47 7.54 4.47
N ILE A 10 26.11 6.26 4.51
CA ILE A 10 26.02 5.50 5.76
C ILE A 10 27.02 4.34 5.71
N VAL A 11 27.61 4.03 6.86
CA VAL A 11 28.64 2.99 6.95
C VAL A 11 28.25 1.92 7.97
N CYS A 12 28.02 0.70 7.49
CA CYS A 12 27.72 -0.45 8.36
C CYS A 12 28.71 -1.57 8.09
N THR A 13 29.71 -1.73 8.96
CA THR A 13 30.68 -2.80 8.80
C THR A 13 30.04 -4.15 9.12
N VAL A 14 29.39 -4.24 10.29
CA VAL A 14 28.55 -5.39 10.60
C VAL A 14 27.22 -5.18 9.86
N ARG A 15 26.99 -6.02 8.85
CA ARG A 15 25.82 -5.88 7.98
C ARG A 15 25.35 -7.23 7.49
N HIS A 16 24.11 -7.26 7.01
CA HIS A 16 23.54 -8.46 6.39
C HIS A 16 24.39 -8.84 5.16
N HIS A 17 24.77 -10.13 5.11
CA HIS A 17 25.69 -10.65 4.08
C HIS A 17 25.19 -10.45 2.65
N GLY A 18 23.86 -10.44 2.48
CA GLY A 18 23.23 -10.20 1.18
C GLY A 18 23.32 -8.78 0.64
N LEU A 19 24.01 -7.88 1.36
CA LEU A 19 24.30 -6.54 0.87
C LEU A 19 25.67 -6.48 0.19
N ALA A 20 26.36 -7.62 0.16
CA ALA A 20 27.65 -7.73 -0.53
C ALA A 20 28.62 -6.67 0.01
N HIS A 21 29.11 -5.80 -0.86
CA HIS A 21 29.94 -4.66 -0.45
C HIS A 21 29.48 -3.37 -1.13
N ASP A 22 28.18 -3.30 -1.43
CA ASP A 22 27.60 -2.12 -2.09
C ASP A 22 27.43 -0.97 -1.12
N LYS A 23 27.51 0.25 -1.65
CA LYS A 23 27.40 1.47 -0.85
C LYS A 23 25.97 1.67 -0.38
N LEU A 24 25.81 2.23 0.82
CA LEU A 24 24.51 2.60 1.34
C LEU A 24 24.45 4.11 1.43
N LEU A 25 23.70 4.74 0.54
CA LEU A 25 23.70 6.20 0.44
C LEU A 25 22.48 6.85 1.07
N MET A 26 22.73 7.92 1.82
CA MET A 26 21.70 8.78 2.35
C MET A 26 21.03 9.50 1.19
N VAL A 27 19.72 9.33 1.05
CA VAL A 27 18.98 9.93 -0.05
C VAL A 27 17.78 10.70 0.47
N GLU A 28 17.54 11.88 -0.09
CA GLU A 28 16.43 12.73 0.32
C GLU A 28 15.53 13.00 -0.89
N MET A 29 14.30 12.49 -0.82
CA MET A 29 13.34 12.59 -1.93
C MET A 29 13.09 14.03 -2.37
N ILE A 30 12.84 14.19 -3.66
CA ILE A 30 12.54 15.49 -4.23
C ILE A 30 11.40 15.38 -5.22
N ASP A 31 10.78 16.53 -5.49
CA ASP A 31 9.86 16.66 -6.61
C ASP A 31 10.72 16.72 -7.88
N PRO A 32 10.19 16.28 -9.03
CA PRO A 32 10.96 16.45 -10.27
C PRO A 32 11.29 17.93 -10.59
N GLN A 33 10.54 18.86 -10.01
CA GLN A 33 10.86 20.28 -10.06
C GLN A 33 12.12 20.58 -9.25
N GLY A 34 12.33 19.79 -8.19
CA GLY A 34 13.50 19.90 -7.31
C GLY A 34 13.17 20.29 -5.88
N ASN A 35 12.00 19.86 -5.41
CA ASN A 35 11.45 20.30 -4.11
C ASN A 35 11.62 19.22 -3.04
N PRO A 36 12.56 19.43 -2.09
CA PRO A 36 12.76 18.44 -1.01
C PRO A 36 11.46 18.04 -0.32
N ASP A 37 11.15 16.75 -0.31
CA ASP A 37 9.97 16.23 0.39
C ASP A 37 10.19 16.13 1.90
N GLY A 38 11.39 16.44 2.37
CA GLY A 38 11.76 16.22 3.77
C GLY A 38 12.01 14.75 4.02
N GLN A 39 11.18 13.92 3.37
CA GLN A 39 11.36 12.47 3.27
C GLN A 39 12.84 12.07 3.13
N CYS A 40 13.33 11.32 4.13
CA CYS A 40 14.67 10.74 4.08
C CYS A 40 14.61 9.24 3.95
N ALA A 41 15.69 8.66 3.45
CA ALA A 41 15.79 7.22 3.25
C ALA A 41 17.24 6.85 3.01
N VAL A 42 17.54 5.55 3.11
CA VAL A 42 18.84 5.03 2.74
C VAL A 42 18.63 4.04 1.59
N ALA A 43 19.33 4.28 0.49
CA ALA A 43 19.21 3.47 -0.71
C ALA A 43 20.51 2.73 -0.97
N ILE A 44 20.41 1.47 -1.39
CA ILE A 44 21.58 0.73 -1.81
C ILE A 44 22.00 1.24 -3.17
N ASP A 45 23.30 1.19 -3.46
CA ASP A 45 23.83 1.71 -4.72
C ASP A 45 24.89 0.81 -5.31
N ASN A 46 24.64 0.36 -6.54
CA ASN A 46 25.59 -0.40 -7.34
C ASN A 46 25.94 0.27 -8.67
N ILE A 47 25.33 1.42 -8.95
CA ILE A 47 25.68 2.21 -10.15
C ILE A 47 26.91 3.08 -9.89
N GLY A 48 26.97 3.68 -8.69
CA GLY A 48 28.10 4.49 -8.29
C GLY A 48 27.80 5.98 -8.35
N ALA A 49 26.81 6.41 -7.56
CA ALA A 49 26.44 7.81 -7.46
C ALA A 49 27.12 8.48 -6.28
N GLY A 50 27.57 9.71 -6.48
CA GLY A 50 28.19 10.51 -5.41
C GLY A 50 27.19 11.48 -4.80
N THR A 51 27.59 12.13 -3.71
CA THR A 51 26.68 13.06 -3.01
C THR A 51 26.45 14.32 -3.83
N GLY A 52 25.22 14.83 -3.76
CA GLY A 52 24.81 15.98 -4.55
C GLY A 52 24.14 15.60 -5.86
N GLU A 53 24.52 14.46 -6.43
CA GLU A 53 23.95 13.98 -7.69
C GLU A 53 22.52 13.51 -7.51
N TRP A 54 21.67 13.85 -8.47
CA TRP A 54 20.28 13.42 -8.48
C TRP A 54 20.19 11.98 -8.98
N VAL A 55 19.38 11.16 -8.32
CA VAL A 55 19.26 9.74 -8.64
C VAL A 55 17.81 9.31 -8.85
N LEU A 56 17.64 8.21 -9.56
CA LEU A 56 16.35 7.60 -9.81
C LEU A 56 16.20 6.39 -8.89
N LEU A 57 15.19 6.40 -8.02
CA LEU A 57 15.03 5.36 -7.00
C LEU A 57 13.87 4.41 -7.30
N VAL A 58 14.11 3.12 -7.11
CA VAL A 58 13.04 2.11 -7.17
C VAL A 58 12.92 1.43 -5.79
N SER A 59 11.69 1.24 -5.32
CA SER A 59 11.45 0.66 -4.00
C SER A 59 10.75 -0.69 -4.10
N GLY A 60 10.53 -1.32 -2.95
CA GLY A 60 9.80 -2.58 -2.87
C GLY A 60 10.50 -3.73 -3.57
N SER A 61 9.72 -4.68 -4.06
CA SER A 61 10.24 -5.91 -4.68
C SER A 61 11.10 -5.64 -5.92
N SER A 62 10.81 -4.55 -6.62
CA SER A 62 11.64 -4.13 -7.76
C SER A 62 13.01 -3.67 -7.27
N ALA A 63 13.03 -3.03 -6.09
CA ALA A 63 14.28 -2.65 -5.43
C ALA A 63 15.15 -3.88 -5.16
N ARG A 64 14.53 -4.99 -4.81
CA ARG A 64 15.24 -6.26 -4.64
C ARG A 64 15.80 -6.71 -5.99
N GLN A 65 14.92 -6.79 -6.98
CA GLN A 65 15.28 -7.18 -8.35
C GLN A 65 16.41 -6.31 -8.88
N ALA A 66 16.23 -5.00 -8.74
CA ALA A 66 17.18 -4.00 -9.25
C ALA A 66 18.58 -4.14 -8.64
N HIS A 67 18.63 -4.41 -7.34
CA HIS A 67 19.91 -4.60 -6.65
C HIS A 67 20.62 -5.86 -7.16
N LYS A 68 19.90 -6.98 -7.14
CA LYS A 68 20.42 -8.25 -7.65
C LYS A 68 19.26 -9.19 -8.02
N SER A 69 18.51 -9.60 -7.01
CA SER A 69 17.48 -10.64 -7.16
C SER A 69 16.44 -10.52 -6.06
N GLU A 70 15.46 -11.43 -6.04
CA GLU A 70 14.46 -11.48 -4.97
C GLU A 70 15.08 -11.71 -3.59
N THR A 71 16.22 -12.39 -3.55
CA THR A 71 16.93 -12.63 -2.29
C THR A 71 17.36 -11.34 -1.57
N SER A 72 17.70 -10.31 -2.34
CA SER A 72 18.25 -9.07 -1.77
C SER A 72 17.38 -8.49 -0.66
N PRO A 73 17.99 -8.13 0.49
CA PRO A 73 17.24 -7.60 1.62
C PRO A 73 17.15 -6.08 1.56
N VAL A 74 16.58 -5.55 0.47
CA VAL A 74 16.50 -4.11 0.25
C VAL A 74 15.09 -3.69 -0.16
N ASP A 75 14.68 -2.51 0.29
CA ASP A 75 13.37 -1.96 -0.01
C ASP A 75 13.49 -0.60 -0.72
N LEU A 76 14.69 -0.29 -1.21
CA LEU A 76 15.01 1.02 -1.80
C LEU A 76 16.37 0.97 -2.49
N CYS A 77 16.39 1.23 -3.80
CA CYS A 77 17.59 1.02 -4.61
C CYS A 77 17.71 2.08 -5.70
N VAL A 78 18.92 2.59 -5.91
CA VAL A 78 19.20 3.56 -6.97
C VAL A 78 19.45 2.82 -8.29
N ILE A 79 18.63 3.12 -9.30
CA ILE A 79 18.73 2.48 -10.61
C ILE A 79 19.19 3.43 -11.72
N GLY A 80 19.45 4.69 -11.37
CA GLY A 80 19.96 5.63 -12.36
C GLY A 80 20.47 6.93 -11.76
N ILE A 81 21.45 7.53 -12.44
CA ILE A 81 21.93 8.87 -12.11
C ILE A 81 21.38 9.80 -13.18
N VAL A 82 20.90 10.97 -12.75
CA VAL A 82 20.29 11.92 -13.67
C VAL A 82 21.35 12.79 -14.31
N ASP A 83 21.31 12.91 -15.64
CA ASP A 83 22.18 13.84 -16.37
C ASP A 83 21.51 15.20 -16.45
N GLU A 84 20.23 15.21 -16.81
CA GLU A 84 19.45 16.45 -16.79
C GLU A 84 17.94 16.22 -16.79
N VAL A 85 17.23 17.28 -16.40
CA VAL A 85 15.78 17.32 -16.47
C VAL A 85 15.41 18.54 -17.29
N VAL A 86 14.72 18.33 -18.41
CA VAL A 86 14.26 19.44 -19.26
C VAL A 86 12.75 19.60 -19.13
N SER A 87 12.26 20.79 -19.46
CA SER A 87 10.83 21.10 -19.39
C SER A 87 10.43 22.02 -20.55
N GLY A 88 10.44 21.46 -21.76
CA GLY A 88 10.15 22.23 -22.96
C GLY A 88 11.22 23.29 -23.21
N GLY A 89 12.37 22.86 -23.72
CA GLY A 89 13.45 23.79 -24.07
C GLY A 89 14.21 24.40 -22.90
N GLN A 90 13.76 24.15 -21.67
CA GLN A 90 14.37 24.69 -20.46
C GLN A 90 14.96 23.56 -19.63
N VAL A 91 16.25 23.64 -19.34
CA VAL A 91 16.92 22.68 -18.46
C VAL A 91 16.82 23.17 -17.02
N ILE A 92 15.98 22.50 -16.21
CA ILE A 92 15.78 22.89 -14.81
C ILE A 92 16.83 22.25 -13.88
N PHE A 93 17.38 21.11 -14.28
CA PHE A 93 18.55 20.52 -13.60
C PHE A 93 19.53 19.98 -14.62
N HIS A 94 20.82 20.24 -14.38
CA HIS A 94 21.90 19.64 -15.17
C HIS A 94 23.04 19.23 -14.24
N LYS A 95 23.64 18.08 -14.54
CA LYS A 95 24.71 17.54 -13.68
C LYS A 95 26.03 18.26 -13.96
N LEU A 96 26.74 18.63 -12.90
CA LEU A 96 28.08 19.22 -13.02
C LEU A 96 29.09 18.38 -12.26
N MET B 1 15.57 1.75 2.70
CA MET B 1 15.77 1.40 4.12
C MET B 1 15.68 2.66 4.98
N LYS B 2 15.61 2.48 6.30
CA LYS B 2 15.53 3.61 7.23
C LYS B 2 16.46 3.45 8.44
N LEU B 3 16.95 4.58 8.95
CA LEU B 3 17.78 4.61 10.14
C LEU B 3 16.91 4.73 11.38
N ALA B 4 17.22 3.94 12.39
CA ALA B 4 16.51 4.00 13.67
C ALA B 4 17.51 3.82 14.80
N VAL B 5 17.08 4.16 16.02
CA VAL B 5 17.87 3.94 17.22
C VAL B 5 17.20 2.84 18.05
N VAL B 6 17.96 1.81 18.39
CA VAL B 6 17.45 0.78 19.28
C VAL B 6 17.22 1.45 20.63
N THR B 7 15.94 1.67 20.97
CA THR B 7 15.58 2.35 22.21
C THR B 7 15.32 1.37 23.36
N GLY B 8 15.11 0.10 23.03
CA GLY B 8 14.81 -0.90 24.05
C GLY B 8 14.62 -2.30 23.48
N GLN B 9 13.77 -3.09 24.14
CA GLN B 9 13.57 -4.50 23.81
C GLN B 9 12.20 -5.04 24.22
N ILE B 10 11.79 -6.12 23.57
CA ILE B 10 10.54 -6.81 23.86
C ILE B 10 10.83 -8.29 24.11
N VAL B 11 10.23 -8.86 25.16
CA VAL B 11 10.45 -10.26 25.49
C VAL B 11 9.16 -11.06 25.33
N CYS B 12 9.15 -11.97 24.36
CA CYS B 12 8.01 -12.84 24.13
C CYS B 12 8.46 -14.29 24.26
N THR B 13 8.21 -14.90 25.42
CA THR B 13 8.53 -16.31 25.62
C THR B 13 7.65 -17.18 24.72
N VAL B 14 6.35 -16.89 24.70
CA VAL B 14 5.41 -17.54 23.80
C VAL B 14 5.34 -16.74 22.51
N ARG B 15 5.81 -17.34 21.42
CA ARG B 15 5.98 -16.65 20.14
C ARG B 15 5.87 -17.58 18.92
N HIS B 16 5.55 -16.99 17.77
CA HIS B 16 5.51 -17.70 16.48
C HIS B 16 6.85 -18.37 16.21
N HIS B 17 6.80 -19.63 15.77
CA HIS B 17 8.03 -20.42 15.50
C HIS B 17 8.95 -19.74 14.48
N GLY B 18 8.36 -19.09 13.48
CA GLY B 18 9.11 -18.38 12.44
C GLY B 18 9.81 -17.11 12.87
N LEU B 19 9.72 -16.76 14.15
CA LEU B 19 10.55 -15.70 14.74
C LEU B 19 11.86 -16.26 15.30
N ALA B 20 11.98 -17.59 15.30
CA ALA B 20 13.20 -18.27 15.76
C ALA B 20 13.45 -17.94 17.22
N HIS B 21 14.72 -17.71 17.58
CA HIS B 21 15.07 -17.14 18.88
C HIS B 21 15.81 -15.83 18.67
N ASP B 22 15.41 -15.09 17.63
CA ASP B 22 16.00 -13.80 17.31
C ASP B 22 15.49 -12.73 18.26
N LYS B 23 16.21 -11.61 18.33
CA LYS B 23 15.90 -10.56 19.29
C LYS B 23 14.79 -9.69 18.73
N LEU B 24 14.02 -9.07 19.63
CA LEU B 24 12.90 -8.20 19.27
C LEU B 24 13.17 -6.81 19.83
N LEU B 25 13.65 -5.92 18.96
CA LEU B 25 14.11 -4.59 19.39
C LEU B 25 13.01 -3.56 19.25
N MET B 26 12.95 -2.65 20.21
CA MET B 26 12.15 -1.43 20.08
C MET B 26 13.01 -0.40 19.36
N VAL B 27 12.56 0.03 18.19
CA VAL B 27 13.31 1.00 17.39
C VAL B 27 12.50 2.27 17.16
N GLU B 28 13.18 3.41 17.23
CA GLU B 28 12.59 4.71 16.90
C GLU B 28 13.37 5.29 15.72
N MET B 29 12.66 5.77 14.71
CA MET B 29 13.27 6.23 13.45
C MET B 29 14.12 7.48 13.63
N ILE B 30 14.91 7.82 12.62
CA ILE B 30 15.78 8.99 12.66
C ILE B 30 15.53 9.87 11.43
N ASP B 31 15.65 11.19 11.64
CA ASP B 31 15.40 12.18 10.58
C ASP B 31 16.72 12.72 10.00
N PRO B 32 16.65 13.40 8.83
CA PRO B 32 17.84 13.96 8.16
C PRO B 32 18.88 14.61 9.06
N GLN B 33 18.43 15.41 10.03
CA GLN B 33 19.35 16.18 10.88
C GLN B 33 20.00 15.31 11.98
N GLY B 34 19.67 14.02 12.02
CA GLY B 34 20.31 13.05 12.90
C GLY B 34 19.63 12.88 14.25
N ASN B 35 18.31 13.08 14.26
CA ASN B 35 17.53 13.10 15.49
C ASN B 35 16.42 12.07 15.52
N PRO B 36 16.14 11.50 16.71
CA PRO B 36 14.99 10.60 16.86
C PRO B 36 13.66 11.27 16.52
N ASP B 37 13.03 10.79 15.45
CA ASP B 37 11.72 11.26 15.02
C ASP B 37 10.64 10.69 15.94
N GLY B 38 9.37 11.00 15.67
CA GLY B 38 8.26 10.46 16.45
C GLY B 38 8.08 8.96 16.26
N GLN B 39 8.02 8.56 14.98
CA GLN B 39 7.75 7.17 14.59
C GLN B 39 8.51 6.11 15.40
N CYS B 40 7.80 5.07 15.84
CA CYS B 40 8.41 3.95 16.57
C CYS B 40 7.84 2.60 16.10
N ALA B 41 8.53 1.51 16.46
CA ALA B 41 8.12 0.18 16.04
C ALA B 41 8.94 -0.91 16.73
N VAL B 42 8.60 -2.17 16.46
CA VAL B 42 9.37 -3.31 16.89
C VAL B 42 9.95 -4.00 15.67
N ALA B 43 11.24 -4.29 15.70
CA ALA B 43 11.92 -4.92 14.58
C ALA B 43 12.61 -6.19 15.04
N ILE B 44 12.64 -7.22 14.19
CA ILE B 44 13.38 -8.44 14.50
C ILE B 44 14.85 -8.19 14.23
N ASP B 45 15.71 -8.95 14.90
CA ASP B 45 17.16 -8.74 14.82
C ASP B 45 17.93 -10.02 15.12
N ASN B 46 18.68 -10.50 14.14
CA ASN B 46 19.65 -11.58 14.37
C ASN B 46 21.10 -11.14 14.18
N ILE B 47 21.30 -9.87 13.80
CA ILE B 47 22.64 -9.29 13.68
C ILE B 47 23.27 -9.08 15.06
N GLY B 48 22.48 -8.60 16.00
CA GLY B 48 22.91 -8.46 17.40
C GLY B 48 23.08 -7.02 17.85
N ALA B 49 22.15 -6.16 17.46
CA ALA B 49 22.17 -4.75 17.87
C ALA B 49 21.83 -4.62 19.35
N GLY B 50 22.40 -3.63 20.00
CA GLY B 50 22.14 -3.35 21.42
C GLY B 50 21.55 -1.98 21.62
N THR B 51 20.85 -1.78 22.74
CA THR B 51 20.13 -0.54 23.01
C THR B 51 21.07 0.66 22.98
N GLY B 52 20.63 1.75 22.35
CA GLY B 52 21.47 2.93 22.14
C GLY B 52 22.06 2.97 20.74
N GLU B 53 22.46 1.81 20.22
CA GLU B 53 23.04 1.71 18.88
C GLU B 53 22.03 2.08 17.79
N TRP B 54 22.55 2.68 16.72
CA TRP B 54 21.75 2.98 15.53
C TRP B 54 21.81 1.77 14.61
N VAL B 55 20.71 1.52 13.89
CA VAL B 55 20.59 0.34 13.03
C VAL B 55 19.93 0.72 11.70
N LEU B 56 20.24 -0.04 10.66
CA LEU B 56 19.59 0.15 9.38
C LEU B 56 18.43 -0.84 9.29
N LEU B 57 17.25 -0.32 8.95
CA LEU B 57 16.02 -1.10 8.96
C LEU B 57 15.44 -1.29 7.56
N VAL B 58 15.00 -2.52 7.27
CA VAL B 58 14.26 -2.82 6.05
C VAL B 58 12.85 -3.23 6.44
N SER B 59 11.87 -2.92 5.59
CA SER B 59 10.46 -3.14 5.90
C SER B 59 9.74 -3.92 4.81
N GLY B 60 8.55 -4.42 5.15
CA GLY B 60 7.71 -5.14 4.19
C GLY B 60 8.29 -6.47 3.79
N SER B 61 7.89 -6.95 2.61
CA SER B 61 8.36 -8.24 2.08
C SER B 61 9.88 -8.39 2.11
N SER B 62 10.59 -7.28 1.88
CA SER B 62 12.05 -7.27 1.95
C SER B 62 12.55 -7.70 3.34
N ALA B 63 11.84 -7.28 4.39
CA ALA B 63 12.18 -7.67 5.76
C ALA B 63 12.03 -9.17 5.92
N ARG B 64 10.97 -9.74 5.35
CA ARG B 64 10.77 -11.18 5.39
C ARG B 64 11.93 -11.90 4.72
N GLN B 65 12.31 -11.42 3.55
CA GLN B 65 13.48 -11.97 2.84
C GLN B 65 14.72 -11.83 3.70
N ALA B 66 14.91 -10.62 4.24
CA ALA B 66 16.07 -10.30 5.06
C ALA B 66 16.22 -11.28 6.21
N HIS B 67 15.14 -11.48 6.96
CA HIS B 67 15.16 -12.33 8.15
C HIS B 67 15.38 -13.81 7.83
N LYS B 68 14.60 -14.32 6.88
CA LYS B 68 14.67 -15.74 6.51
C LYS B 68 14.11 -15.96 5.12
N SER B 69 12.80 -15.77 4.98
CA SER B 69 12.10 -16.01 3.72
C SER B 69 10.68 -15.43 3.84
N GLU B 70 9.82 -15.73 2.87
CA GLU B 70 8.42 -15.32 2.96
C GLU B 70 7.63 -16.05 4.07
N THR B 71 8.23 -17.12 4.62
CA THR B 71 7.71 -17.81 5.79
C THR B 71 7.71 -16.94 7.04
N SER B 72 8.65 -16.00 7.12
CA SER B 72 8.83 -15.20 8.33
C SER B 72 7.69 -14.20 8.47
N PRO B 73 7.05 -14.14 9.65
CA PRO B 73 5.97 -13.21 9.93
C PRO B 73 6.49 -11.86 10.47
N VAL B 74 7.22 -11.12 9.63
CA VAL B 74 7.78 -9.84 10.04
C VAL B 74 7.56 -8.76 9.00
N ASP B 75 7.36 -7.53 9.47
CA ASP B 75 7.23 -6.36 8.60
C ASP B 75 8.39 -5.37 8.81
N LEU B 76 9.35 -5.75 9.66
CA LEU B 76 10.50 -4.89 9.98
C LEU B 76 11.67 -5.76 10.42
N CYS B 77 12.86 -5.44 9.91
CA CYS B 77 14.05 -6.25 10.15
C CYS B 77 15.28 -5.35 10.14
N VAL B 78 16.21 -5.60 11.05
CA VAL B 78 17.49 -4.87 11.07
C VAL B 78 18.47 -5.57 10.14
N ILE B 79 19.09 -4.80 9.26
CA ILE B 79 20.04 -5.34 8.27
C ILE B 79 21.49 -4.85 8.48
N GLY B 80 21.71 -4.04 9.51
CA GLY B 80 23.05 -3.58 9.83
C GLY B 80 23.10 -2.65 11.02
N ILE B 81 24.24 -2.62 11.68
CA ILE B 81 24.52 -1.69 12.77
C ILE B 81 25.36 -0.55 12.19
N VAL B 82 24.94 0.68 12.47
CA VAL B 82 25.53 1.86 11.83
C VAL B 82 26.75 2.33 12.62
N ASP B 83 27.90 2.32 11.95
CA ASP B 83 29.14 2.80 12.55
C ASP B 83 29.18 4.32 12.53
N GLU B 84 28.75 4.91 11.41
CA GLU B 84 28.68 6.36 11.27
C GLU B 84 27.76 6.78 10.12
N VAL B 85 27.21 7.99 10.24
CA VAL B 85 26.36 8.57 9.20
C VAL B 85 26.92 9.93 8.82
N VAL B 86 27.33 10.05 7.56
CA VAL B 86 27.86 11.30 7.03
C VAL B 86 26.85 11.87 6.04
N SER B 87 26.35 13.07 6.32
CA SER B 87 25.37 13.72 5.46
C SER B 87 25.60 15.22 5.36
N GLY B 88 25.48 15.74 4.14
CA GLY B 88 25.67 17.16 3.87
C GLY B 88 27.08 17.63 4.16
N GLY B 89 28.04 16.73 4.01
CA GLY B 89 29.44 17.03 4.34
C GLY B 89 29.68 17.21 5.83
N GLN B 90 28.95 16.46 6.64
CA GLN B 90 29.12 16.52 8.10
C GLN B 90 28.76 15.17 8.72
N VAL B 91 29.62 14.70 9.62
CA VAL B 91 29.37 13.48 10.38
C VAL B 91 28.26 13.78 11.39
N ILE B 92 27.10 13.18 11.18
CA ILE B 92 25.93 13.41 12.05
C ILE B 92 25.72 12.30 13.09
N PHE B 93 26.50 11.23 12.98
CA PHE B 93 26.53 10.19 14.00
C PHE B 93 27.80 9.35 13.88
N HIS B 94 28.34 8.96 15.03
CA HIS B 94 29.47 8.04 15.07
C HIS B 94 29.39 7.17 16.33
N LYS B 95 29.62 5.87 16.16
CA LYS B 95 29.70 4.91 17.27
C LYS B 95 30.54 5.43 18.45
N LEU B 96 31.79 5.79 18.14
CA LEU B 96 32.77 6.21 19.14
C LEU B 96 32.55 7.69 19.51
N GLU B 97 31.33 8.00 19.93
CA GLU B 97 30.84 9.36 20.13
C GLU B 97 31.47 10.35 19.14
N MET C 1 7.13 -4.27 13.20
CA MET C 1 5.96 -4.85 13.90
C MET C 1 5.46 -3.88 14.97
N LYS C 2 4.23 -4.09 15.44
CA LYS C 2 3.60 -3.18 16.41
C LYS C 2 3.10 -3.87 17.68
N LEU C 3 3.13 -3.13 18.78
CA LEU C 3 2.59 -3.59 20.06
C LEU C 3 1.12 -3.24 20.15
N ALA C 4 0.38 -4.02 20.92
CA ALA C 4 -1.05 -3.76 21.13
C ALA C 4 -1.55 -4.49 22.37
N VAL C 5 -2.65 -4.00 22.92
CA VAL C 5 -3.33 -4.64 24.05
C VAL C 5 -4.60 -5.29 23.53
N VAL C 6 -4.88 -6.52 23.97
CA VAL C 6 -6.14 -7.14 23.59
C VAL C 6 -7.27 -6.50 24.40
N THR C 7 -8.11 -5.73 23.71
CA THR C 7 -9.29 -5.08 24.32
C THR C 7 -10.53 -5.97 24.34
N GLY C 8 -10.58 -6.98 23.47
CA GLY C 8 -11.74 -7.88 23.44
C GLY C 8 -11.68 -8.99 22.40
N GLN C 9 -12.85 -9.59 22.15
CA GLN C 9 -12.97 -10.71 21.21
C GLN C 9 -14.12 -10.48 20.24
N ILE C 10 -13.91 -10.89 18.99
CA ILE C 10 -14.97 -10.92 17.99
C ILE C 10 -15.34 -12.37 17.74
N VAL C 11 -16.61 -12.72 17.96
CA VAL C 11 -17.08 -14.09 17.78
C VAL C 11 -17.76 -14.28 16.43
N CYS C 12 -17.30 -15.28 15.68
CA CYS C 12 -17.88 -15.66 14.41
C CYS C 12 -17.94 -17.17 14.30
N THR C 13 -19.09 -17.75 14.62
CA THR C 13 -19.28 -19.19 14.49
C THR C 13 -19.42 -19.56 13.02
N VAL C 14 -20.24 -18.81 12.29
CA VAL C 14 -20.33 -18.94 10.84
C VAL C 14 -19.13 -18.21 10.24
N ARG C 15 -18.25 -18.97 9.62
CA ARG C 15 -16.93 -18.49 9.21
C ARG C 15 -16.40 -19.24 8.00
N HIS C 16 -15.44 -18.63 7.33
CA HIS C 16 -14.75 -19.22 6.20
C HIS C 16 -13.86 -20.37 6.71
N HIS C 17 -13.99 -21.55 6.11
CA HIS C 17 -13.28 -22.74 6.59
C HIS C 17 -11.75 -22.65 6.56
N GLY C 18 -11.23 -21.76 5.71
CA GLY C 18 -9.80 -21.42 5.73
C GLY C 18 -9.39 -20.64 6.98
N LEU C 19 -10.32 -19.85 7.49
CA LEU C 19 -10.12 -19.09 8.73
C LEU C 19 -10.30 -19.95 9.98
N ALA C 20 -10.75 -21.20 9.82
CA ALA C 20 -11.07 -22.08 10.95
C ALA C 20 -9.88 -22.33 11.87
N HIS C 21 -10.18 -22.68 13.13
CA HIS C 21 -9.18 -22.88 14.18
C HIS C 21 -8.30 -21.63 14.41
N ASP C 22 -8.92 -20.45 14.30
CA ASP C 22 -8.28 -19.18 14.63
C ASP C 22 -9.22 -18.39 15.55
N LYS C 23 -8.63 -17.41 16.26
CA LYS C 23 -9.38 -16.53 17.14
C LYS C 23 -9.33 -15.12 16.57
N LEU C 24 -10.43 -14.39 16.67
CA LEU C 24 -10.48 -13.00 16.21
C LEU C 24 -10.46 -12.08 17.41
N LEU C 25 -9.49 -11.17 17.45
CA LEU C 25 -9.28 -10.29 18.60
C LEU C 25 -9.56 -8.84 18.25
N MET C 26 -10.09 -8.12 19.25
CA MET C 26 -10.20 -6.66 19.20
C MET C 26 -8.96 -6.15 19.92
N VAL C 27 -8.16 -5.33 19.23
CA VAL C 27 -6.90 -4.84 19.80
C VAL C 27 -6.80 -3.32 19.72
N GLU C 28 -6.07 -2.73 20.67
CA GLU C 28 -5.73 -1.31 20.66
C GLU C 28 -4.23 -1.16 20.62
N MET C 29 -3.75 -0.31 19.73
CA MET C 29 -2.31 -0.13 19.51
C MET C 29 -1.68 0.60 20.68
N ILE C 30 -0.39 0.32 20.93
CA ILE C 30 0.33 0.96 22.03
C ILE C 30 1.42 1.88 21.49
N ASP C 31 1.43 3.13 21.96
CA ASP C 31 2.39 4.13 21.45
C ASP C 31 3.79 3.93 22.09
N PRO C 32 4.83 4.54 21.49
CA PRO C 32 6.18 4.52 22.05
C PRO C 32 6.33 4.52 23.57
N GLN C 33 5.43 5.22 24.27
CA GLN C 33 5.52 5.39 25.72
C GLN C 33 4.73 4.33 26.51
N GLY C 34 4.22 3.30 25.83
CA GLY C 34 3.51 2.21 26.50
C GLY C 34 2.05 2.47 26.84
N ASN C 35 1.49 3.53 26.26
CA ASN C 35 0.07 3.88 26.48
C ASN C 35 -0.77 3.43 25.30
N PRO C 36 -2.01 2.95 25.56
CA PRO C 36 -2.96 2.69 24.49
C PRO C 36 -3.25 3.96 23.68
N ASP C 37 -3.19 3.84 22.36
CA ASP C 37 -3.13 4.99 21.46
C ASP C 37 -4.43 5.25 20.70
N GLY C 38 -5.56 4.92 21.31
CA GLY C 38 -6.87 5.17 20.69
C GLY C 38 -7.19 4.21 19.55
N GLN C 39 -6.47 4.35 18.44
CA GLN C 39 -6.75 3.59 17.22
C GLN C 39 -6.88 2.08 17.47
N CYS C 40 -8.12 1.59 17.54
CA CYS C 40 -8.38 0.17 17.73
C CYS C 40 -8.33 -0.55 16.40
N ALA C 41 -8.29 -1.88 16.43
CA ALA C 41 -8.25 -2.68 15.20
C ALA C 41 -8.68 -4.12 15.45
N VAL C 42 -8.73 -4.90 14.37
CA VAL C 42 -9.02 -6.33 14.43
C VAL C 42 -7.80 -7.13 14.01
N ALA C 43 -7.43 -8.12 14.82
CA ALA C 43 -6.28 -8.96 14.53
C ALA C 43 -6.68 -10.43 14.53
N ILE C 44 -6.06 -11.22 13.67
CA ILE C 44 -6.19 -12.68 13.75
C ILE C 44 -5.24 -13.21 14.83
N ASP C 45 -5.65 -14.28 15.52
CA ASP C 45 -4.85 -14.85 16.61
C ASP C 45 -4.91 -16.37 16.65
N ASN C 46 -3.78 -17.01 16.33
CA ASN C 46 -3.64 -18.46 16.43
C ASN C 46 -2.70 -18.89 17.56
N ILE C 47 -2.21 -17.94 18.36
CA ILE C 47 -1.39 -18.25 19.53
C ILE C 47 -2.27 -18.46 20.76
N GLY C 48 -3.14 -17.49 21.03
CA GLY C 48 -4.15 -17.60 22.08
C GLY C 48 -4.01 -16.57 23.18
N ALA C 49 -4.24 -15.31 22.83
CA ALA C 49 -4.11 -14.21 23.77
C ALA C 49 -5.48 -13.80 24.33
N GLY C 50 -5.58 -13.66 25.64
CA GLY C 50 -6.80 -13.19 26.28
C GLY C 50 -6.83 -11.68 26.41
N THR C 51 -7.98 -11.14 26.82
CA THR C 51 -8.13 -9.70 27.01
C THR C 51 -7.18 -9.21 28.09
N GLY C 52 -6.61 -8.02 27.89
CA GLY C 52 -5.65 -7.45 28.85
C GLY C 52 -4.19 -7.75 28.51
N GLU C 53 -3.92 -8.92 27.94
CA GLU C 53 -2.57 -9.30 27.53
C GLU C 53 -2.08 -8.39 26.41
N TRP C 54 -0.78 -8.11 26.41
CA TRP C 54 -0.16 -7.37 25.31
C TRP C 54 0.31 -8.38 24.28
N VAL C 55 0.28 -7.96 23.02
CA VAL C 55 0.65 -8.83 21.91
C VAL C 55 1.55 -8.10 20.93
N LEU C 56 2.34 -8.86 20.17
CA LEU C 56 3.13 -8.33 19.06
C LEU C 56 2.39 -8.61 17.76
N LEU C 57 2.28 -7.61 16.90
CA LEU C 57 1.47 -7.71 15.69
C LEU C 57 2.28 -7.42 14.43
N VAL C 58 2.23 -8.34 13.47
CA VAL C 58 2.82 -8.13 12.15
C VAL C 58 1.75 -7.58 11.22
N SER C 59 2.16 -6.75 10.27
CA SER C 59 1.25 -6.14 9.28
C SER C 59 1.43 -6.82 7.93
N GLY C 60 0.64 -7.88 7.68
CA GLY C 60 0.77 -8.65 6.45
C GLY C 60 -0.16 -9.85 6.41
N PRO C 73 -5.95 -14.73 6.59
CA PRO C 73 -4.77 -14.03 6.08
C PRO C 73 -5.14 -12.69 5.45
N VAL C 74 -4.71 -11.57 6.04
CA VAL C 74 -5.25 -10.24 5.66
C VAL C 74 -4.35 -9.06 6.05
N ASP C 75 -4.30 -8.73 7.34
CA ASP C 75 -3.47 -7.63 7.80
C ASP C 75 -2.81 -7.97 9.13
N LEU C 76 -3.51 -7.78 10.24
CA LEU C 76 -2.90 -7.85 11.57
C LEU C 76 -2.97 -9.26 12.13
N CYS C 77 -1.82 -9.80 12.51
CA CYS C 77 -1.73 -11.14 13.09
C CYS C 77 -0.84 -11.12 14.33
N VAL C 78 -1.32 -11.74 15.42
CA VAL C 78 -0.52 -11.85 16.63
C VAL C 78 0.60 -12.88 16.39
N ILE C 79 1.84 -12.45 16.63
CA ILE C 79 3.01 -13.33 16.48
C ILE C 79 3.74 -13.56 17.82
N GLY C 80 3.08 -13.21 18.92
CA GLY C 80 3.63 -13.44 20.26
C GLY C 80 2.88 -12.68 21.33
N ILE C 81 2.94 -13.17 22.56
CA ILE C 81 2.38 -12.47 23.72
C ILE C 81 3.52 -11.87 24.52
N VAL C 82 3.39 -10.60 24.92
CA VAL C 82 4.50 -9.85 25.48
C VAL C 82 4.61 -10.03 27.00
N ASP C 83 5.74 -10.58 27.45
CA ASP C 83 6.03 -10.74 28.88
C ASP C 83 6.50 -9.44 29.51
N GLU C 84 7.28 -8.67 28.76
CA GLU C 84 7.74 -7.36 29.22
C GLU C 84 8.36 -6.52 28.12
N VAL C 85 8.39 -5.21 28.38
CA VAL C 85 8.90 -4.24 27.44
C VAL C 85 9.77 -3.24 28.20
N VAL C 86 11.00 -3.07 27.74
CA VAL C 86 11.93 -2.09 28.28
C VAL C 86 12.27 -1.08 27.19
N SER C 87 12.25 0.21 27.52
CA SER C 87 12.58 1.27 26.58
C SER C 87 13.95 1.87 26.95
N GLY C 88 14.07 3.20 26.92
CA GLY C 88 15.32 3.87 27.29
C GLY C 88 15.67 3.63 28.75
N GLY C 89 16.12 2.41 29.05
CA GLY C 89 16.52 2.03 30.41
C GLY C 89 15.41 1.55 31.32
N GLN C 90 14.17 1.95 31.01
CA GLN C 90 13.04 1.81 31.92
C GLN C 90 12.02 0.78 31.42
N VAL C 91 11.50 -0.05 32.33
CA VAL C 91 10.47 -1.02 32.01
C VAL C 91 9.12 -0.32 31.91
N ILE C 92 8.50 -0.34 30.73
CA ILE C 92 7.20 0.32 30.53
C ILE C 92 6.04 -0.68 30.56
N PHE C 93 6.34 -1.97 30.61
CA PHE C 93 5.33 -2.99 30.75
C PHE C 93 5.91 -4.29 31.31
N HIS C 94 5.18 -4.92 32.22
CA HIS C 94 5.54 -6.24 32.71
C HIS C 94 4.30 -7.07 33.02
N LYS C 95 4.33 -8.34 32.62
CA LYS C 95 3.18 -9.24 32.70
C LYS C 95 2.47 -9.19 34.04
N MET D 1 -7.74 -6.77 7.91
CA MET D 1 -9.09 -7.31 8.21
C MET D 1 -9.88 -6.29 9.03
N LYS D 2 -11.16 -6.10 8.68
CA LYS D 2 -11.98 -5.04 9.25
C LYS D 2 -13.39 -5.51 9.53
N LEU D 3 -14.01 -4.87 10.52
CA LEU D 3 -15.43 -5.05 10.81
C LEU D 3 -16.24 -4.14 9.91
N ALA D 4 -17.45 -4.58 9.56
CA ALA D 4 -18.35 -3.78 8.75
C ALA D 4 -19.77 -4.21 9.00
N VAL D 5 -20.71 -3.33 8.67
CA VAL D 5 -22.14 -3.63 8.73
C VAL D 5 -22.67 -3.72 7.31
N VAL D 6 -23.50 -4.72 7.04
CA VAL D 6 -24.17 -4.83 5.75
C VAL D 6 -25.31 -3.83 5.76
N THR D 7 -25.17 -2.76 4.97
CA THR D 7 -26.16 -1.70 4.90
C THR D 7 -27.19 -1.92 3.79
N GLY D 8 -26.89 -2.82 2.86
CA GLY D 8 -27.81 -3.10 1.76
C GLY D 8 -27.30 -4.09 0.72
N GLN D 9 -27.81 -3.93 -0.50
CA GLN D 9 -27.54 -4.86 -1.58
C GLN D 9 -27.46 -4.16 -2.93
N ILE D 10 -26.59 -4.70 -3.80
CA ILE D 10 -26.41 -4.23 -5.16
C ILE D 10 -26.81 -5.34 -6.12
N VAL D 11 -27.39 -4.96 -7.26
CA VAL D 11 -27.83 -5.92 -8.26
C VAL D 11 -27.22 -5.62 -9.63
N CYS D 12 -26.37 -6.53 -10.11
CA CYS D 12 -25.76 -6.43 -11.43
C CYS D 12 -26.05 -7.67 -12.26
N THR D 13 -27.00 -7.57 -13.18
CA THR D 13 -27.35 -8.69 -14.05
C THR D 13 -26.24 -8.94 -15.06
N VAL D 14 -25.88 -7.90 -15.81
CA VAL D 14 -24.69 -7.94 -16.65
C VAL D 14 -23.50 -7.73 -15.73
N ARG D 15 -22.69 -8.78 -15.58
CA ARG D 15 -21.56 -8.77 -14.67
C ARG D 15 -20.45 -9.72 -15.14
N HIS D 16 -19.26 -9.51 -14.59
CA HIS D 16 -18.10 -10.34 -14.85
C HIS D 16 -18.42 -11.79 -14.49
N HIS D 17 -18.17 -12.70 -15.43
CA HIS D 17 -18.55 -14.10 -15.28
C HIS D 17 -17.88 -14.81 -14.08
N GLY D 18 -16.72 -14.32 -13.68
CA GLY D 18 -16.02 -14.83 -12.50
C GLY D 18 -16.64 -14.46 -11.16
N LEU D 19 -17.77 -13.75 -11.18
CA LEU D 19 -18.54 -13.48 -9.96
C LEU D 19 -19.59 -14.55 -9.72
N ALA D 20 -19.69 -15.51 -10.64
CA ALA D 20 -20.62 -16.64 -10.51
C ALA D 20 -22.05 -16.14 -10.34
N HIS D 21 -22.70 -16.49 -9.23
CA HIS D 21 -24.03 -15.96 -8.88
C HIS D 21 -24.04 -15.46 -7.43
N ASP D 22 -22.88 -15.07 -6.92
CA ASP D 22 -22.75 -14.63 -5.52
C ASP D 22 -23.31 -13.21 -5.31
N LYS D 23 -23.81 -12.97 -4.11
CA LYS D 23 -24.44 -11.70 -3.77
C LYS D 23 -23.38 -10.60 -3.67
N LEU D 24 -23.75 -9.38 -4.05
CA LEU D 24 -22.90 -8.22 -3.89
C LEU D 24 -23.54 -7.30 -2.86
N LEU D 25 -22.95 -7.22 -1.66
CA LEU D 25 -23.55 -6.51 -0.53
C LEU D 25 -22.96 -5.12 -0.34
N MET D 26 -23.83 -4.14 -0.11
CA MET D 26 -23.41 -2.82 0.36
C MET D 26 -22.93 -2.96 1.80
N VAL D 27 -21.67 -2.58 2.04
CA VAL D 27 -21.09 -2.68 3.37
C VAL D 27 -20.49 -1.34 3.78
N GLU D 28 -20.69 -0.98 5.04
CA GLU D 28 -20.20 0.26 5.59
C GLU D 28 -19.29 -0.02 6.80
N MET D 29 -18.00 0.30 6.66
CA MET D 29 -17.01 0.00 7.71
C MET D 29 -17.40 0.55 9.07
N ILE D 30 -17.10 -0.23 10.11
CA ILE D 30 -17.46 0.11 11.50
C ILE D 30 -16.33 0.85 12.20
N ASP D 31 -16.67 2.00 12.80
CA ASP D 31 -15.68 2.85 13.46
C ASP D 31 -15.16 2.21 14.74
N PRO D 32 -14.07 2.75 15.31
CA PRO D 32 -13.64 2.36 16.66
C PRO D 32 -14.34 3.22 17.73
N GLN D 33 -15.31 2.68 18.46
CA GLN D 33 -15.79 1.31 18.32
C GLN D 33 -17.26 1.21 18.70
N GLY D 34 -18.05 0.54 17.86
CA GLY D 34 -19.47 0.31 18.13
C GLY D 34 -20.40 0.74 17.02
N ASN D 35 -20.07 1.86 16.36
CA ASN D 35 -20.94 2.45 15.33
C ASN D 35 -20.27 2.45 13.96
N PRO D 36 -21.06 2.65 12.87
CA PRO D 36 -20.49 2.80 11.53
C PRO D 36 -19.74 4.13 11.29
N ASP D 37 -19.29 4.34 10.06
CA ASP D 37 -18.70 5.63 9.64
C ASP D 37 -18.84 5.83 8.12
N GLY D 38 -18.17 6.85 7.58
CA GLY D 38 -18.32 7.23 6.18
C GLY D 38 -17.92 6.19 5.14
N GLN D 39 -16.80 5.50 5.37
CA GLN D 39 -16.29 4.46 4.47
C GLN D 39 -17.37 3.51 3.94
N CYS D 40 -17.65 3.58 2.64
CA CYS D 40 -18.55 2.62 1.98
C CYS D 40 -17.78 1.72 1.02
N ALA D 41 -18.36 0.56 0.73
CA ALA D 41 -17.76 -0.40 -0.18
C ALA D 41 -18.79 -1.44 -0.56
N VAL D 42 -18.51 -2.21 -1.60
CA VAL D 42 -19.33 -3.35 -1.96
C VAL D 42 -18.48 -4.61 -1.83
N ALA D 43 -18.99 -5.57 -1.06
CA ALA D 43 -18.29 -6.81 -0.79
C ALA D 43 -19.02 -7.98 -1.42
N ILE D 44 -18.26 -8.92 -1.99
CA ILE D 44 -18.83 -10.17 -2.47
C ILE D 44 -19.17 -11.02 -1.25
N ASP D 45 -20.23 -11.81 -1.35
CA ASP D 45 -20.65 -12.66 -0.23
C ASP D 45 -21.06 -14.06 -0.69
N ASN D 46 -20.39 -15.07 -0.14
CA ASN D 46 -20.78 -16.46 -0.34
C ASN D 46 -21.06 -17.21 0.99
N ILE D 47 -20.99 -16.50 2.12
CA ILE D 47 -21.39 -17.04 3.42
C ILE D 47 -22.90 -16.92 3.62
N GLY D 48 -23.46 -15.79 3.22
CA GLY D 48 -24.91 -15.57 3.29
C GLY D 48 -25.28 -14.66 4.44
N ALA D 49 -24.79 -13.42 4.39
CA ALA D 49 -25.11 -12.40 5.39
C ALA D 49 -26.25 -11.50 4.92
N GLY D 50 -27.16 -11.16 5.83
CA GLY D 50 -28.25 -10.25 5.56
C GLY D 50 -27.96 -8.84 6.02
N THR D 51 -28.84 -7.90 5.65
CA THR D 51 -28.71 -6.49 6.01
C THR D 51 -28.79 -6.28 7.51
N GLY D 52 -27.95 -5.39 8.03
CA GLY D 52 -27.93 -5.09 9.46
C GLY D 52 -26.93 -5.93 10.23
N GLU D 53 -26.64 -7.13 9.73
CA GLU D 53 -25.67 -8.03 10.37
C GLU D 53 -24.24 -7.51 10.22
N TRP D 54 -23.46 -7.63 11.29
CA TRP D 54 -22.06 -7.25 11.27
C TRP D 54 -21.23 -8.37 10.62
N VAL D 55 -20.29 -7.97 9.76
CA VAL D 55 -19.49 -8.94 9.00
C VAL D 55 -18.00 -8.67 9.15
N LEU D 56 -17.20 -9.71 8.93
CA LEU D 56 -15.75 -9.62 8.89
C LEU D 56 -15.31 -9.58 7.44
N LEU D 57 -14.61 -8.51 7.05
CA LEU D 57 -14.21 -8.30 5.66
C LEU D 57 -12.71 -8.52 5.46
N VAL D 58 -12.36 -9.19 4.37
CA VAL D 58 -10.98 -9.32 3.92
C VAL D 58 -10.83 -8.68 2.53
N SER D 59 -9.76 -7.92 2.33
CA SER D 59 -9.56 -7.18 1.08
C SER D 59 -8.35 -7.70 0.32
N GLY D 60 -8.12 -7.13 -0.86
CA GLY D 60 -6.93 -7.44 -1.65
C GLY D 60 -6.86 -8.89 -2.12
N SER D 61 -5.66 -9.40 -2.30
CA SER D 61 -5.44 -10.74 -2.86
C SER D 61 -6.04 -11.86 -2.00
N SER D 62 -6.15 -11.63 -0.70
CA SER D 62 -6.83 -12.57 0.18
C SER D 62 -8.34 -12.55 -0.09
N ALA D 63 -8.88 -11.38 -0.44
CA ALA D 63 -10.27 -11.29 -0.85
C ALA D 63 -10.52 -12.16 -2.07
N ARG D 64 -9.54 -12.24 -2.96
CA ARG D 64 -9.62 -13.13 -4.12
C ARG D 64 -9.62 -14.58 -3.65
N GLN D 65 -8.61 -14.94 -2.85
CA GLN D 65 -8.50 -16.29 -2.29
C GLN D 65 -9.76 -16.69 -1.52
N ALA D 66 -10.23 -15.79 -0.66
CA ALA D 66 -11.40 -16.02 0.20
C ALA D 66 -12.67 -16.29 -0.60
N HIS D 67 -12.86 -15.55 -1.69
CA HIS D 67 -14.02 -15.74 -2.55
C HIS D 67 -13.97 -17.11 -3.24
N LYS D 68 -12.84 -17.39 -3.88
CA LYS D 68 -12.63 -18.67 -4.55
C LYS D 68 -11.14 -18.95 -4.74
N SER D 69 -10.49 -18.12 -5.56
CA SER D 69 -9.11 -18.34 -5.98
C SER D 69 -8.47 -17.02 -6.38
N GLU D 70 -7.22 -17.08 -6.85
CA GLU D 70 -6.55 -15.89 -7.38
C GLU D 70 -7.25 -15.33 -8.62
N THR D 71 -7.93 -16.19 -9.37
CA THR D 71 -8.72 -15.79 -10.54
C THR D 71 -9.79 -14.73 -10.23
N SER D 72 -10.41 -14.85 -9.06
CA SER D 72 -11.57 -14.01 -8.69
C SER D 72 -11.30 -12.51 -8.87
N PRO D 73 -12.24 -11.80 -9.51
CA PRO D 73 -12.07 -10.38 -9.77
C PRO D 73 -12.65 -9.54 -8.63
N VAL D 74 -12.17 -9.77 -7.41
CA VAL D 74 -12.69 -9.08 -6.24
C VAL D 74 -11.56 -8.53 -5.36
N ASP D 75 -11.82 -7.36 -4.76
CA ASP D 75 -10.85 -6.71 -3.88
C ASP D 75 -11.42 -6.51 -2.48
N LEU D 76 -12.51 -7.21 -2.18
CA LEU D 76 -13.26 -7.04 -0.93
C LEU D 76 -14.29 -8.16 -0.76
N CYS D 77 -14.17 -8.93 0.31
CA CYS D 77 -14.95 -10.16 0.48
C CYS D 77 -15.31 -10.39 1.94
N VAL D 78 -16.55 -10.81 2.19
CA VAL D 78 -16.98 -11.16 3.55
C VAL D 78 -16.59 -12.61 3.87
N ILE D 79 -15.82 -12.80 4.94
CA ILE D 79 -15.37 -14.13 5.37
C ILE D 79 -15.97 -14.58 6.70
N GLY D 80 -16.85 -13.77 7.28
CA GLY D 80 -17.52 -14.15 8.51
C GLY D 80 -18.66 -13.24 8.92
N ILE D 81 -19.64 -13.83 9.60
CA ILE D 81 -20.73 -13.08 10.21
C ILE D 81 -20.48 -13.07 11.71
N VAL D 82 -20.66 -11.90 12.33
CA VAL D 82 -20.36 -11.75 13.74
C VAL D 82 -21.56 -12.20 14.57
N ASP D 83 -21.29 -13.04 15.57
CA ASP D 83 -22.30 -13.43 16.55
C ASP D 83 -22.31 -12.42 17.70
N GLU D 84 -21.11 -12.10 18.20
CA GLU D 84 -20.99 -11.08 19.24
C GLU D 84 -19.59 -10.48 19.33
N VAL D 85 -19.53 -9.31 19.96
CA VAL D 85 -18.29 -8.64 20.28
C VAL D 85 -18.29 -8.32 21.77
N VAL D 86 -17.26 -8.79 22.46
CA VAL D 86 -17.12 -8.56 23.89
C VAL D 86 -15.92 -7.64 24.12
N SER D 87 -16.12 -6.60 24.91
CA SER D 87 -15.06 -5.68 25.28
C SER D 87 -14.36 -6.22 26.54
N GLY D 88 -14.47 -5.49 27.65
CA GLY D 88 -13.96 -5.98 28.93
C GLY D 88 -15.01 -6.82 29.63
N GLY D 89 -15.41 -7.91 28.99
CA GLY D 89 -16.51 -8.76 29.48
C GLY D 89 -17.89 -8.12 29.38
N GLN D 90 -17.99 -7.05 28.59
CA GLN D 90 -19.22 -6.29 28.42
C GLN D 90 -19.66 -6.40 26.96
N VAL D 91 -20.60 -7.32 26.68
CA VAL D 91 -21.08 -7.53 25.32
C VAL D 91 -21.55 -6.20 24.73
N ILE D 92 -20.78 -5.68 23.79
CA ILE D 92 -21.09 -4.41 23.13
C ILE D 92 -21.94 -4.61 21.86
N PHE D 93 -21.81 -5.77 21.22
CA PHE D 93 -22.70 -6.13 20.09
C PHE D 93 -23.11 -7.59 20.19
N HIS D 94 -24.40 -7.84 19.96
CA HIS D 94 -24.93 -9.20 19.87
C HIS D 94 -25.91 -9.30 18.70
N LYS D 95 -25.85 -10.42 18.01
CA LYS D 95 -26.69 -10.67 16.84
C LYS D 95 -28.11 -11.04 17.25
N LEU D 96 -29.09 -10.46 16.55
CA LEU D 96 -30.52 -10.75 16.79
C LEU D 96 -30.97 -11.95 15.96
N MET E 1 -14.99 -3.65 -3.43
CA MET E 1 -15.31 -2.95 -4.69
C MET E 1 -16.00 -1.60 -4.41
N LYS E 2 -16.11 -0.77 -5.45
CA LYS E 2 -16.70 0.57 -5.33
C LYS E 2 -17.70 0.88 -6.44
N LEU E 3 -18.72 1.65 -6.09
CA LEU E 3 -19.70 2.13 -7.06
C LEU E 3 -19.25 3.45 -7.66
N ALA E 4 -19.38 3.57 -8.98
CA ALA E 4 -19.06 4.79 -9.69
C ALA E 4 -20.08 5.04 -10.77
N VAL E 5 -20.08 6.26 -11.30
CA VAL E 5 -20.91 6.62 -12.44
C VAL E 5 -20.02 6.86 -13.65
N VAL E 6 -20.26 6.16 -14.74
CA VAL E 6 -19.52 6.44 -15.97
C VAL E 6 -19.91 7.85 -16.40
N THR E 7 -18.96 8.78 -16.24
CA THR E 7 -19.17 10.19 -16.56
C THR E 7 -18.73 10.55 -17.98
N GLY E 8 -17.93 9.68 -18.60
CA GLY E 8 -17.43 9.95 -19.94
C GLY E 8 -16.52 8.86 -20.46
N GLN E 9 -15.57 9.23 -21.30
CA GLN E 9 -14.63 8.26 -21.88
C GLN E 9 -13.34 8.89 -22.40
N ILE E 10 -12.34 8.04 -22.62
CA ILE E 10 -11.01 8.43 -23.08
C ILE E 10 -10.67 7.63 -24.33
N VAL E 11 -10.12 8.29 -25.34
CA VAL E 11 -9.75 7.59 -26.57
C VAL E 11 -8.24 7.64 -26.76
N CYS E 12 -7.62 6.46 -26.72
CA CYS E 12 -6.19 6.32 -26.93
C CYS E 12 -5.97 5.39 -28.12
N THR E 13 -5.71 5.94 -29.30
CA THR E 13 -5.44 5.10 -30.47
C THR E 13 -4.06 4.43 -30.32
N VAL E 14 -3.06 5.18 -29.83
CA VAL E 14 -1.76 4.62 -29.49
C VAL E 14 -1.80 4.20 -28.02
N ARG E 15 -1.69 2.90 -27.76
CA ARG E 15 -1.86 2.36 -26.41
C ARG E 15 -1.17 1.01 -26.20
N HIS E 16 -0.91 0.71 -24.93
CA HIS E 16 -0.29 -0.55 -24.50
C HIS E 16 -1.10 -1.74 -25.02
N HIS E 17 -0.41 -2.73 -25.60
CA HIS E 17 -1.06 -3.92 -26.17
C HIS E 17 -1.97 -4.65 -25.18
N GLY E 18 -1.54 -4.72 -23.92
CA GLY E 18 -2.30 -5.38 -22.87
C GLY E 18 -3.56 -4.67 -22.42
N LEU E 19 -3.89 -3.53 -23.04
CA LEU E 19 -5.22 -2.91 -22.88
C LEU E 19 -6.21 -3.44 -23.93
N ALA E 20 -5.73 -4.26 -24.87
CA ALA E 20 -6.58 -4.86 -25.89
C ALA E 20 -7.26 -3.78 -26.72
N HIS E 21 -8.53 -3.99 -27.06
CA HIS E 21 -9.36 -2.94 -27.64
C HIS E 21 -10.54 -2.65 -26.72
N ASP E 22 -10.31 -2.77 -25.41
CA ASP E 22 -11.34 -2.52 -24.41
C ASP E 22 -11.58 -1.02 -24.24
N LYS E 23 -12.71 -0.68 -23.65
CA LYS E 23 -13.08 0.72 -23.51
C LYS E 23 -12.39 1.32 -22.31
N LEU E 24 -12.21 2.63 -22.34
CA LEU E 24 -11.55 3.36 -21.28
C LEU E 24 -12.50 4.45 -20.77
N LEU E 25 -13.16 4.15 -19.65
CA LEU E 25 -14.22 4.99 -19.13
C LEU E 25 -13.70 5.98 -18.10
N MET E 26 -14.25 7.19 -18.12
CA MET E 26 -14.08 8.13 -17.00
C MET E 26 -15.15 7.84 -15.98
N VAL E 27 -14.73 7.48 -14.78
CA VAL E 27 -15.66 7.11 -13.72
C VAL E 27 -15.46 8.01 -12.51
N GLU E 28 -16.58 8.42 -11.90
CA GLU E 28 -16.58 9.18 -10.65
C GLU E 28 -17.27 8.33 -9.59
N MET E 29 -16.66 8.23 -8.41
CA MET E 29 -17.15 7.31 -7.36
C MET E 29 -18.47 7.81 -6.78
N ILE E 30 -19.10 6.95 -5.98
CA ILE E 30 -20.39 7.27 -5.36
C ILE E 30 -20.34 7.02 -3.85
N ASP E 31 -21.06 7.85 -3.11
CA ASP E 31 -21.09 7.78 -1.65
C ASP E 31 -22.36 7.09 -1.13
N PRO E 32 -22.37 6.65 0.15
CA PRO E 32 -23.52 5.97 0.75
C PRO E 32 -24.90 6.53 0.40
N GLN E 33 -25.04 7.86 0.36
CA GLN E 33 -26.33 8.52 0.12
C GLN E 33 -26.76 8.43 -1.35
N GLY E 34 -25.91 7.88 -2.21
CA GLY E 34 -26.23 7.65 -3.62
C GLY E 34 -25.80 8.77 -4.55
N ASN E 35 -24.75 9.48 -4.18
CA ASN E 35 -24.34 10.70 -4.88
C ASN E 35 -22.90 10.66 -5.34
N PRO E 36 -22.63 11.23 -6.54
CA PRO E 36 -21.26 11.35 -7.02
C PRO E 36 -20.36 12.12 -6.06
N ASP E 37 -19.37 11.44 -5.48
CA ASP E 37 -18.40 12.10 -4.59
C ASP E 37 -17.35 12.83 -5.43
N GLY E 38 -16.33 13.37 -4.78
CA GLY E 38 -15.26 14.09 -5.51
C GLY E 38 -14.41 13.19 -6.38
N GLN E 39 -13.92 12.11 -5.78
CA GLN E 39 -12.97 11.18 -6.41
C GLN E 39 -13.35 10.79 -7.86
N CYS E 40 -12.36 10.84 -8.76
CA CYS E 40 -12.53 10.42 -10.16
C CYS E 40 -11.36 9.58 -10.63
N ALA E 41 -11.54 8.91 -11.77
CA ALA E 41 -10.51 8.02 -12.32
C ALA E 41 -10.86 7.53 -13.73
N VAL E 42 -9.92 6.80 -14.32
CA VAL E 42 -10.14 6.13 -15.60
C VAL E 42 -10.08 4.63 -15.35
N ALA E 43 -11.10 3.90 -15.80
CA ALA E 43 -11.19 2.47 -15.57
C ALA E 43 -11.34 1.75 -16.91
N ILE E 44 -10.73 0.57 -17.03
CA ILE E 44 -10.88 -0.24 -18.22
C ILE E 44 -12.23 -0.95 -18.18
N ASP E 45 -12.77 -1.32 -19.33
CA ASP E 45 -14.11 -1.91 -19.40
C ASP E 45 -14.32 -2.77 -20.65
N ASN E 46 -14.53 -4.06 -20.44
CA ASN E 46 -14.93 -4.95 -21.54
C ASN E 46 -16.36 -5.47 -21.41
N ILE E 47 -17.02 -5.10 -20.30
CA ILE E 47 -18.42 -5.47 -20.08
C ILE E 47 -19.33 -4.68 -21.02
N GLY E 48 -19.03 -3.40 -21.19
CA GLY E 48 -19.75 -2.55 -22.14
C GLY E 48 -20.64 -1.51 -21.49
N ALA E 49 -20.14 -0.85 -20.44
CA ALA E 49 -20.87 0.21 -19.76
C ALA E 49 -20.92 1.45 -20.66
N GLY E 50 -21.99 2.23 -20.51
CA GLY E 50 -22.18 3.46 -21.27
C GLY E 50 -22.32 4.64 -20.33
N THR E 51 -22.03 5.84 -20.83
CA THR E 51 -21.98 7.02 -19.97
C THR E 51 -23.34 7.30 -19.33
N GLY E 52 -23.32 7.67 -18.06
CA GLY E 52 -24.55 7.80 -17.28
C GLY E 52 -24.78 6.60 -16.39
N GLU E 53 -24.52 5.41 -16.92
CA GLU E 53 -24.72 4.17 -16.19
C GLU E 53 -23.81 4.08 -14.96
N TRP E 54 -24.30 3.43 -13.90
CA TRP E 54 -23.52 3.13 -12.71
C TRP E 54 -22.83 1.78 -12.92
N VAL E 55 -21.62 1.65 -12.38
CA VAL E 55 -20.82 0.45 -12.55
C VAL E 55 -20.15 0.05 -11.24
N LEU E 56 -19.85 -1.24 -11.10
CA LEU E 56 -19.11 -1.74 -9.97
C LEU E 56 -17.65 -1.80 -10.38
N LEU E 57 -16.77 -1.25 -9.55
CA LEU E 57 -15.35 -1.13 -9.87
C LEU E 57 -14.51 -1.94 -8.91
N VAL E 58 -13.49 -2.62 -9.45
CA VAL E 58 -12.47 -3.30 -8.65
C VAL E 58 -11.14 -2.63 -8.94
N SER E 59 -10.26 -2.61 -7.94
CA SER E 59 -8.99 -1.88 -8.04
C SER E 59 -7.79 -2.74 -7.68
N GLY E 60 -6.60 -2.25 -8.04
CA GLY E 60 -5.36 -2.93 -7.71
C GLY E 60 -5.18 -4.23 -8.48
N SER E 61 -4.38 -5.12 -7.90
CA SER E 61 -4.08 -6.43 -8.49
C SER E 61 -5.34 -7.21 -8.91
N SER E 62 -6.42 -7.05 -8.14
CA SER E 62 -7.71 -7.65 -8.47
C SER E 62 -8.22 -7.18 -9.83
N ALA E 63 -8.02 -5.89 -10.12
CA ALA E 63 -8.42 -5.31 -11.41
C ALA E 63 -7.65 -5.97 -12.54
N ARG E 64 -6.36 -6.20 -12.34
CA ARG E 64 -5.54 -6.89 -13.34
C ARG E 64 -6.09 -8.28 -13.59
N GLN E 65 -6.41 -8.99 -12.52
CA GLN E 65 -6.99 -10.32 -12.64
C GLN E 65 -8.36 -10.24 -13.33
N ALA E 66 -9.16 -9.26 -12.93
CA ALA E 66 -10.50 -9.04 -13.50
C ALA E 66 -10.44 -8.85 -15.00
N HIS E 67 -9.55 -7.98 -15.45
CA HIS E 67 -9.43 -7.64 -16.87
C HIS E 67 -8.86 -8.78 -17.72
N LYS E 68 -7.76 -9.39 -17.25
CA LYS E 68 -7.12 -10.46 -18.01
C LYS E 68 -6.23 -11.32 -17.09
N SER E 69 -5.16 -10.72 -16.61
CA SER E 69 -4.21 -11.40 -15.73
C SER E 69 -3.27 -10.36 -15.12
N GLU E 70 -2.18 -10.80 -14.52
CA GLU E 70 -1.15 -9.87 -14.03
C GLU E 70 -0.36 -9.18 -15.15
N THR E 71 -0.50 -9.66 -16.39
CA THR E 71 0.07 -8.98 -17.56
C THR E 71 -0.62 -7.65 -17.85
N SER E 72 -1.88 -7.50 -17.41
CA SER E 72 -2.66 -6.29 -17.68
C SER E 72 -2.10 -5.11 -16.90
N PRO E 73 -1.82 -3.99 -17.59
CA PRO E 73 -1.36 -2.78 -16.92
C PRO E 73 -2.51 -1.87 -16.45
N VAL E 74 -3.33 -2.36 -15.53
CA VAL E 74 -4.48 -1.58 -15.03
C VAL E 74 -4.57 -1.60 -13.51
N ASP E 75 -5.03 -0.49 -12.94
CA ASP E 75 -5.29 -0.38 -11.51
C ASP E 75 -6.77 -0.20 -11.20
N LEU E 76 -7.62 -0.24 -12.24
CA LEU E 76 -9.06 -0.06 -12.11
C LEU E 76 -9.78 -0.79 -13.24
N CYS E 77 -10.85 -1.49 -12.88
CA CYS E 77 -11.60 -2.31 -13.84
C CYS E 77 -13.07 -2.37 -13.46
N VAL E 78 -13.94 -2.31 -14.46
CA VAL E 78 -15.36 -2.48 -14.27
C VAL E 78 -15.69 -3.97 -14.22
N ILE E 79 -16.43 -4.40 -13.19
CA ILE E 79 -16.82 -5.81 -13.05
C ILE E 79 -18.34 -6.03 -13.17
N GLY E 80 -19.10 -4.96 -13.36
CA GLY E 80 -20.55 -5.08 -13.58
C GLY E 80 -21.25 -3.76 -13.77
N ILE E 81 -22.40 -3.80 -14.44
CA ILE E 81 -23.28 -2.63 -14.58
C ILE E 81 -24.37 -2.77 -13.52
N VAL E 82 -24.63 -1.69 -12.79
CA VAL E 82 -25.55 -1.74 -11.65
C VAL E 82 -26.98 -1.48 -12.11
N ASP E 83 -27.84 -2.47 -11.87
CA ASP E 83 -29.26 -2.36 -12.19
C ASP E 83 -29.96 -1.52 -11.12
N GLU E 84 -29.61 -1.78 -9.85
CA GLU E 84 -30.17 -1.02 -8.74
C GLU E 84 -29.35 -1.17 -7.47
N VAL E 85 -29.42 -0.15 -6.61
CA VAL E 85 -28.74 -0.14 -5.33
C VAL E 85 -29.76 0.10 -4.23
N VAL E 86 -29.92 -0.89 -3.35
CA VAL E 86 -30.82 -0.79 -2.20
C VAL E 86 -29.97 -0.67 -0.95
N SER E 87 -30.14 0.43 -0.21
CA SER E 87 -29.40 0.64 1.04
C SER E 87 -30.25 1.32 2.10
N GLY E 88 -30.14 0.81 3.33
CA GLY E 88 -30.90 1.35 4.47
C GLY E 88 -32.40 1.19 4.31
N GLY E 89 -32.82 0.14 3.61
CA GLY E 89 -34.23 -0.11 3.32
C GLY E 89 -34.80 0.92 2.36
N GLN E 90 -33.98 1.38 1.42
CA GLN E 90 -34.41 2.36 0.43
C GLN E 90 -33.65 2.16 -0.89
N VAL E 91 -34.40 2.15 -1.99
CA VAL E 91 -33.77 2.10 -3.32
C VAL E 91 -33.15 3.46 -3.61
N ILE E 92 -31.82 3.50 -3.64
CA ILE E 92 -31.09 4.76 -3.85
C ILE E 92 -30.61 4.93 -5.31
N PHE E 93 -30.80 3.90 -6.14
CA PHE E 93 -30.57 4.01 -7.57
C PHE E 93 -31.27 2.88 -8.31
N HIS E 94 -31.83 3.20 -9.48
CA HIS E 94 -32.40 2.20 -10.36
C HIS E 94 -32.19 2.61 -11.82
N LYS E 95 -31.77 1.66 -12.65
CA LYS E 95 -31.65 1.88 -14.11
C LYS E 95 -32.82 2.67 -14.68
N LEU E 96 -34.02 2.20 -14.36
CA LEU E 96 -35.27 2.74 -14.89
C LEU E 96 -35.86 3.84 -13.97
N GLU E 97 -35.06 4.88 -13.71
CA GLU E 97 -35.48 6.01 -12.86
C GLU E 97 -35.02 7.34 -13.48
N MET F 1 -7.03 4.35 -13.14
CA MET F 1 -5.86 4.99 -13.80
C MET F 1 -6.03 6.51 -13.84
N LYS F 2 -4.94 7.23 -14.11
CA LYS F 2 -4.93 8.70 -14.07
C LYS F 2 -4.47 9.33 -15.39
N LEU F 3 -5.01 10.50 -15.69
CA LEU F 3 -4.58 11.31 -16.83
C LEU F 3 -3.49 12.28 -16.41
N ALA F 4 -2.64 12.64 -17.36
CA ALA F 4 -1.54 13.57 -17.09
C ALA F 4 -1.04 14.14 -18.41
N VAL F 5 -0.38 15.29 -18.32
CA VAL F 5 0.25 15.92 -19.47
C VAL F 5 1.76 15.80 -19.31
N VAL F 6 2.45 15.45 -20.38
CA VAL F 6 3.91 15.36 -20.34
C VAL F 6 4.48 16.76 -20.28
N THR F 7 5.03 17.15 -19.13
CA THR F 7 5.65 18.46 -18.95
C THR F 7 7.15 18.49 -19.33
N GLY F 8 7.80 17.32 -19.38
CA GLY F 8 9.21 17.27 -19.75
C GLY F 8 9.84 15.89 -19.78
N GLN F 9 11.17 15.85 -19.79
CA GLN F 9 11.94 14.61 -19.90
C GLN F 9 13.07 14.59 -18.88
N ILE F 10 13.28 13.44 -18.25
CA ILE F 10 14.43 13.23 -17.37
C ILE F 10 15.42 12.33 -18.10
N VAL F 11 16.66 12.82 -18.29
CA VAL F 11 17.68 12.07 -19.00
C VAL F 11 18.58 11.32 -18.01
N CYS F 12 18.76 10.03 -18.27
CA CYS F 12 19.68 9.20 -17.51
C CYS F 12 20.43 8.25 -18.45
N THR F 13 21.62 8.64 -18.89
CA THR F 13 22.45 7.78 -19.74
C THR F 13 23.01 6.63 -18.90
N VAL F 14 23.56 6.97 -17.74
CA VAL F 14 23.97 5.97 -16.75
C VAL F 14 22.71 5.47 -16.04
N ARG F 15 22.39 4.20 -16.26
CA ARG F 15 21.07 3.66 -15.95
C ARG F 15 21.18 2.18 -15.62
N HIS F 16 20.21 1.66 -14.88
CA HIS F 16 20.12 0.22 -14.60
C HIS F 16 19.70 -0.52 -15.87
N HIS F 17 20.43 -1.58 -16.22
CA HIS F 17 20.21 -2.33 -17.46
C HIS F 17 18.78 -2.88 -17.61
N GLY F 18 18.12 -3.15 -16.49
CA GLY F 18 16.70 -3.55 -16.49
C GLY F 18 15.78 -2.42 -16.95
N LEU F 19 16.16 -1.18 -16.63
CA LEU F 19 15.39 0.00 -17.06
C LEU F 19 15.69 0.38 -18.52
N ALA F 20 16.65 -0.29 -19.15
CA ALA F 20 17.10 0.06 -20.50
C ALA F 20 15.97 0.01 -21.53
N HIS F 21 16.13 0.77 -22.62
CA HIS F 21 15.12 0.89 -23.68
C HIS F 21 13.78 1.43 -23.15
N ASP F 22 13.84 2.34 -22.18
CA ASP F 22 12.67 3.07 -21.67
C ASP F 22 12.98 4.56 -21.60
N LYS F 23 11.93 5.37 -21.58
CA LYS F 23 12.05 6.82 -21.48
C LYS F 23 11.52 7.26 -20.13
N LEU F 24 12.15 8.26 -19.52
CA LEU F 24 11.66 8.79 -18.25
C LEU F 24 11.03 10.16 -18.46
N LEU F 25 9.77 10.29 -18.07
CA LEU F 25 8.97 11.49 -18.33
C LEU F 25 8.71 12.27 -17.06
N MET F 26 8.69 13.58 -17.19
CA MET F 26 8.16 14.46 -16.17
C MET F 26 6.70 14.74 -16.55
N VAL F 27 5.77 14.43 -15.66
CA VAL F 27 4.35 14.56 -15.94
C VAL F 27 3.62 15.36 -14.87
N GLU F 28 2.56 16.05 -15.28
CA GLU F 28 1.67 16.76 -14.35
C GLU F 28 0.26 16.21 -14.47
N MET F 29 -0.35 15.91 -13.32
CA MET F 29 -1.64 15.22 -13.29
C MET F 29 -2.76 16.16 -13.73
N ILE F 30 -3.82 15.58 -14.30
CA ILE F 30 -4.94 16.36 -14.81
C ILE F 30 -6.17 16.10 -13.94
N ASP F 31 -6.80 17.17 -13.46
CA ASP F 31 -7.96 17.04 -12.58
C ASP F 31 -9.23 16.71 -13.38
N PRO F 32 -10.34 16.33 -12.69
CA PRO F 32 -11.60 15.96 -13.36
C PRO F 32 -12.05 16.92 -14.46
N GLN F 33 -11.69 18.20 -14.35
CA GLN F 33 -12.10 19.23 -15.29
C GLN F 33 -11.12 19.45 -16.45
N GLY F 34 -10.11 18.59 -16.56
CA GLY F 34 -9.14 18.66 -17.67
C GLY F 34 -8.02 19.68 -17.50
N ASN F 35 -7.86 20.20 -16.28
CA ASN F 35 -6.81 21.17 -15.99
C ASN F 35 -5.64 20.48 -15.28
N PRO F 36 -4.40 20.84 -15.65
CA PRO F 36 -3.23 20.43 -14.86
C PRO F 36 -3.35 20.82 -13.38
N ASP F 37 -3.12 19.87 -12.49
CA ASP F 37 -3.48 20.02 -11.08
C ASP F 37 -2.29 20.24 -10.13
N GLY F 38 -1.24 20.90 -10.64
CA GLY F 38 -0.07 21.19 -9.79
C GLY F 38 0.83 20.00 -9.55
N GLN F 39 0.35 19.02 -8.78
CA GLN F 39 1.17 17.86 -8.40
C GLN F 39 1.84 17.18 -9.59
N CYS F 40 3.13 17.47 -9.76
CA CYS F 40 3.96 16.89 -10.80
C CYS F 40 4.51 15.53 -10.33
N ALA F 41 5.00 14.72 -11.27
CA ALA F 41 5.52 13.39 -10.93
C ALA F 41 6.47 12.87 -12.01
N VAL F 42 7.06 11.70 -11.74
CA VAL F 42 7.92 11.00 -12.70
C VAL F 42 7.24 9.72 -13.14
N ALA F 43 7.19 9.51 -14.46
CA ALA F 43 6.58 8.31 -15.03
C ALA F 43 7.54 7.59 -15.97
N ILE F 44 7.50 6.26 -15.97
CA ILE F 44 8.21 5.46 -16.96
C ILE F 44 7.40 5.46 -18.26
N ASP F 45 8.11 5.45 -19.41
CA ASP F 45 7.43 5.51 -20.71
C ASP F 45 8.11 4.64 -21.76
N ASN F 46 7.45 3.55 -22.15
CA ASN F 46 7.94 2.68 -23.22
C ASN F 46 7.07 2.76 -24.49
N ILE F 47 6.08 3.66 -24.50
CA ILE F 47 5.24 3.90 -25.67
C ILE F 47 5.88 4.97 -26.55
N GLY F 48 6.18 6.12 -25.96
CA GLY F 48 6.90 7.19 -26.64
C GLY F 48 6.09 8.47 -26.74
N ALA F 49 5.85 9.10 -25.59
CA ALA F 49 5.09 10.33 -25.54
C ALA F 49 6.03 11.53 -25.45
N GLY F 50 5.80 12.55 -26.27
CA GLY F 50 6.56 13.79 -26.22
C GLY F 50 5.92 14.80 -25.30
N THR F 51 6.62 15.89 -25.01
CA THR F 51 6.08 16.94 -24.15
C THR F 51 4.84 17.55 -24.78
N GLY F 52 3.85 17.91 -23.95
CA GLY F 52 2.58 18.47 -24.42
C GLY F 52 1.48 17.44 -24.64
N GLU F 53 1.86 16.23 -25.05
CA GLU F 53 0.91 15.13 -25.20
C GLU F 53 0.33 14.71 -23.86
N TRP F 54 -0.93 14.30 -23.88
CA TRP F 54 -1.59 13.74 -22.70
C TRP F 54 -1.37 12.24 -22.72
N VAL F 55 -1.27 11.67 -21.53
CA VAL F 55 -1.01 10.26 -21.36
C VAL F 55 -1.92 9.65 -20.30
N LEU F 56 -2.16 8.34 -20.42
CA LEU F 56 -2.89 7.59 -19.40
C LEU F 56 -1.86 6.89 -18.53
N LEU F 57 -2.03 6.95 -17.20
CA LEU F 57 -1.03 6.42 -16.27
C LEU F 57 -1.62 5.38 -15.31
N VAL F 58 -0.97 4.22 -15.24
CA VAL F 58 -1.32 3.21 -14.25
C VAL F 58 -0.42 3.41 -13.02
N SER F 59 -0.96 3.08 -11.85
CA SER F 59 -0.22 3.20 -10.58
C SER F 59 0.15 1.81 -10.09
N GLY F 60 1.35 1.35 -10.46
CA GLY F 60 1.80 0.01 -10.11
C GLY F 60 3.13 -0.34 -10.76
N VAL F 74 7.72 0.10 -10.85
CA VAL F 74 7.92 1.05 -9.77
C VAL F 74 6.60 1.72 -9.32
N ASP F 75 6.16 2.77 -10.01
CA ASP F 75 4.88 3.39 -9.71
C ASP F 75 4.14 3.80 -11.00
N LEU F 76 4.48 4.96 -11.56
CA LEU F 76 3.73 5.52 -12.70
C LEU F 76 4.28 5.04 -14.02
N CYS F 77 3.40 4.49 -14.86
CA CYS F 77 3.77 4.04 -16.20
C CYS F 77 2.75 4.50 -17.22
N VAL F 78 3.22 5.04 -18.33
CA VAL F 78 2.35 5.41 -19.44
C VAL F 78 1.83 4.15 -20.12
N ILE F 79 0.50 4.05 -20.22
CA ILE F 79 -0.15 2.91 -20.87
C ILE F 79 -0.97 3.33 -22.12
N GLY F 80 -0.76 4.57 -22.57
CA GLY F 80 -1.40 5.07 -23.78
C GLY F 80 -1.26 6.57 -23.92
N ILE F 81 -1.37 7.07 -25.15
CA ILE F 81 -1.37 8.51 -25.44
C ILE F 81 -2.79 8.91 -25.79
N VAL F 82 -3.28 9.99 -25.19
CA VAL F 82 -4.71 10.34 -25.27
C VAL F 82 -5.01 11.20 -26.48
N ASP F 83 -5.87 10.70 -27.36
CA ASP F 83 -6.33 11.46 -28.54
C ASP F 83 -7.43 12.44 -28.17
N GLU F 84 -8.30 12.03 -27.26
CA GLU F 84 -9.36 12.92 -26.78
C GLU F 84 -10.04 12.41 -25.52
N VAL F 85 -10.67 13.33 -24.82
CA VAL F 85 -11.38 13.03 -23.59
C VAL F 85 -12.69 13.81 -23.58
N VAL F 86 -13.78 13.07 -23.36
CA VAL F 86 -15.10 13.65 -23.24
C VAL F 86 -15.63 13.36 -21.83
N SER F 87 -16.23 14.37 -21.20
CA SER F 87 -16.78 14.24 -19.86
C SER F 87 -18.32 14.25 -19.92
N GLY F 88 -18.99 14.99 -19.04
CA GLY F 88 -20.44 15.09 -19.06
C GLY F 88 -20.97 15.76 -20.31
N GLY F 89 -20.91 15.03 -21.43
CA GLY F 89 -21.36 15.53 -22.75
C GLY F 89 -20.35 16.34 -23.53
N GLN F 90 -19.36 16.90 -22.85
CA GLN F 90 -18.46 17.90 -23.44
C GLN F 90 -17.02 17.39 -23.58
N VAL F 91 -16.39 17.73 -24.71
CA VAL F 91 -14.99 17.37 -24.94
C VAL F 91 -14.10 18.33 -24.17
N ILE F 92 -13.31 17.80 -23.24
CA ILE F 92 -12.40 18.62 -22.44
C ILE F 92 -10.95 18.55 -22.95
N PHE F 93 -10.69 17.69 -23.92
CA PHE F 93 -9.37 17.60 -24.52
C PHE F 93 -9.44 16.92 -25.89
N HIS F 94 -8.72 17.48 -26.85
CA HIS F 94 -8.57 16.85 -28.16
C HIS F 94 -7.17 17.12 -28.73
N LYS F 95 -6.60 16.07 -29.32
CA LYS F 95 -5.22 16.08 -29.83
C LYS F 95 -4.87 17.35 -30.60
C1 MRD G . 34.84 3.59 5.76
C2 MRD G . 35.58 4.91 5.95
O2 MRD G . 34.83 5.77 6.85
CM MRD G . 36.93 4.64 6.60
C3 MRD G . 35.79 5.60 4.59
C4 MRD G . 34.67 6.56 4.15
O4 MRD G . 34.59 7.66 5.03
C5 MRD G . 33.31 5.88 4.05
C1 MRD H . 32.13 13.99 0.28
C2 MRD H . 31.04 14.87 0.88
O2 MRD H . 31.35 15.13 2.27
CM MRD H . 31.02 16.20 0.15
C3 MRD H . 29.67 14.18 0.75
C4 MRD H . 29.26 13.21 1.85
O4 MRD H . 29.57 13.69 3.14
C5 MRD H . 29.89 11.84 1.64
C1 MRD I . 10.55 19.30 -24.58
C2 MRD I . 11.72 18.33 -24.48
O2 MRD I . 12.94 19.09 -24.27
CM MRD I . 11.52 17.40 -23.30
C3 MRD I . 11.84 17.52 -25.77
C4 MRD I . 12.45 18.30 -26.93
O4 MRD I . 11.80 17.95 -28.14
C5 MRD I . 13.95 18.02 -27.07
CL CL J . -8.60 -4.99 5.24
C1 MRD K . -6.78 12.35 -13.92
C2 MRD K . -8.17 11.79 -13.69
O2 MRD K . -9.13 12.88 -13.79
CM MRD K . -8.50 10.77 -14.77
C3 MRD K . -8.28 11.12 -12.31
C4 MRD K . -7.81 11.98 -11.12
O4 MRD K . -8.21 13.33 -11.29
C5 MRD K . -6.30 11.90 -10.93
#